data_5L3J
#
_entry.id   5L3J
#
_cell.length_a   116.286
_cell.length_b   49.585
_cell.length_c   70.212
_cell.angle_alpha   90.000
_cell.angle_beta   93.480
_cell.angle_gamma   90.000
#
_symmetry.space_group_name_H-M   'C 1 2 1'
#
loop_
_entity.id
_entity.type
_entity.pdbx_description
1 polymer 'DNA gyrase subunit B'
2 non-polymer '2-[[2-[[4,5-bis(bromanyl)-1~{H}-pyrrol-2-yl]carbonylamino]-1,3-benzothiazol-6-yl]amino]-2-oxidanylidene-ethanoic acid'
3 non-polymer 'IODIDE ION'
4 water water
#
_entity_poly.entity_id   1
_entity_poly.type   'polypeptide(L)'
_entity_poly.pdbx_seq_one_letter_code
;GLDAVRKRPGMYIGDTDDGTGLHHMVFEVVDNAIDEALAGHCKEIIVTIHADNSVSVQDDGRGIPTGIHPEEGVSAAEVI
MTVLHAGGKFDDNSYKVSGGLHGVGVSVVNALSQKLELVIQREGKIHRQIYEHGVPQAPLAVTGETEKTGTMVRFWPSLE
TFTNVTEFEYEILAKRLRELSFLNSGVSIRLRDKRDGKEDHFHYEGGIKAFVEYLNKNKTPIHPNIFYFSTEKDGIGVEV
ALQWNDGFQENIYCFTNNIPQRDGGTHLAGFRAAMTRTLNAYMDKEGYSKKAKVSATGDDAREGLIAVVSVKVPDPKFSS
QTKDKLVSSEVKSAVEQQMNELLAEYLLENPTDAKIVVGKIIDAARAREAARRAREMT
;
_entity_poly.pdbx_strand_id   A
#
# COMPACT_ATOMS: atom_id res chain seq x y z
N GLY A 1 19.10 19.36 12.71
CA GLY A 1 18.47 19.02 11.40
C GLY A 1 18.98 17.70 10.85
N LEU A 2 20.31 17.60 10.69
CA LEU A 2 20.96 16.40 10.17
C LEU A 2 21.04 15.27 11.21
N ASP A 3 21.44 15.63 12.44
CA ASP A 3 21.63 14.66 13.52
C ASP A 3 20.38 14.46 14.41
N ALA A 4 19.28 15.16 14.08
CA ALA A 4 18.02 15.02 14.81
C ALA A 4 17.36 13.65 14.63
N VAL A 5 17.62 13.00 13.49
CA VAL A 5 17.03 11.69 13.17
C VAL A 5 17.67 10.57 14.01
N ARG A 6 19.00 10.59 14.14
CA ARG A 6 19.70 9.61 15.00
C ARG A 6 19.34 9.71 16.48
N LYS A 7 19.02 10.92 16.94
CA LYS A 7 18.58 11.15 18.32
C LYS A 7 17.21 10.55 18.58
N ARG A 8 16.24 10.88 17.73
CA ARG A 8 14.87 10.38 17.82
C ARG A 8 14.47 9.61 16.53
N PRO A 9 14.96 8.36 16.37
CA PRO A 9 14.69 7.57 15.16
C PRO A 9 13.25 7.09 15.02
N GLY A 10 12.61 6.76 16.14
CA GLY A 10 11.19 6.37 16.16
C GLY A 10 10.21 7.43 15.67
N MET A 11 10.61 8.71 15.72
CA MET A 11 9.80 9.82 15.22
C MET A 11 9.72 9.85 13.70
N TYR A 12 10.85 9.57 13.04
CA TYR A 12 10.95 9.64 11.57
C TYR A 12 10.63 8.33 10.83
N ILE A 13 11.00 7.19 11.43
CA ILE A 13 10.81 5.86 10.81
C ILE A 13 9.84 4.91 11.53
N GLY A 14 9.40 5.27 12.74
CA GLY A 14 8.53 4.41 13.55
C GLY A 14 9.32 3.48 14.45
N ASP A 15 8.59 2.65 15.22
CA ASP A 15 9.16 1.84 16.32
C ASP A 15 10.45 1.10 15.97
N THR A 16 11.52 1.39 16.73
CA THR A 16 12.85 0.83 16.50
C THR A 16 13.14 -0.49 17.27
N ASP A 17 12.16 -0.99 18.04
CA ASP A 17 12.35 -2.21 18.85
C ASP A 17 11.58 -3.40 18.31
N ASP A 18 10.30 -3.22 17.97
CA ASP A 18 9.44 -4.34 17.54
C ASP A 18 9.60 -4.79 16.07
N GLY A 19 10.48 -4.11 15.31
CA GLY A 19 10.76 -4.45 13.92
C GLY A 19 10.04 -3.61 12.87
N THR A 20 9.08 -2.78 13.30
CA THR A 20 8.34 -1.90 12.37
C THR A 20 9.28 -0.95 11.64
N GLY A 21 10.09 -0.23 12.41
CA GLY A 21 11.05 0.74 11.87
C GLY A 21 12.13 0.13 11.00
N LEU A 22 12.65 -1.03 11.40
CA LEU A 22 13.67 -1.75 10.64
C LEU A 22 13.20 -2.15 9.25
N HIS A 23 11.99 -2.68 9.16
CA HIS A 23 11.39 -3.07 7.87
C HIS A 23 10.89 -1.90 7.08
N HIS A 24 10.53 -0.81 7.77
CA HIS A 24 10.20 0.47 7.11
C HIS A 24 11.38 1.15 6.45
N MET A 25 12.61 0.77 6.84
CA MET A 25 13.83 1.20 6.14
C MET A 25 13.83 0.68 4.71
N VAL A 26 13.49 -0.60 4.55
CA VAL A 26 13.38 -1.24 3.23
C VAL A 26 12.26 -0.61 2.39
N PHE A 27 11.11 -0.38 3.02
CA PHE A 27 9.93 0.15 2.30
C PHE A 27 10.09 1.61 1.84
N GLU A 28 10.88 2.40 2.57
CA GLU A 28 11.17 3.78 2.16
C GLU A 28 12.08 3.81 0.93
N VAL A 29 13.08 2.91 0.91
CA VAL A 29 13.95 2.75 -0.26
C VAL A 29 13.17 2.16 -1.44
N VAL A 30 12.24 1.24 -1.16
CA VAL A 30 11.36 0.66 -2.18
C VAL A 30 10.37 1.70 -2.74
N ASP A 31 9.77 2.49 -1.85
CA ASP A 31 8.85 3.58 -2.25
C ASP A 31 9.48 4.56 -3.24
N ASN A 32 10.75 4.90 -3.03
CA ASN A 32 11.51 5.74 -3.98
C ASN A 32 11.73 5.07 -5.33
N ALA A 33 11.97 3.75 -5.31
CA ALA A 33 12.02 2.94 -6.53
C ALA A 33 10.66 2.89 -7.22
N ILE A 34 9.60 2.76 -6.43
CA ILE A 34 8.22 2.76 -6.92
C ILE A 34 7.79 4.12 -7.48
N ASP A 35 8.23 5.21 -6.83
CA ASP A 35 7.99 6.58 -7.33
C ASP A 35 8.59 6.79 -8.73
N GLU A 36 9.75 6.20 -8.97
CA GLU A 36 10.36 6.18 -10.31
C GLU A 36 9.58 5.28 -11.27
N ALA A 37 9.02 4.18 -10.75
CA ALA A 37 8.11 3.32 -11.51
C ALA A 37 6.81 4.04 -11.91
N LEU A 38 6.33 4.93 -11.04
CA LEU A 38 5.19 5.81 -11.36
C LEU A 38 5.55 6.86 -12.42
N ALA A 39 6.81 7.29 -12.45
CA ALA A 39 7.33 8.15 -13.52
C ALA A 39 7.37 7.45 -14.89
N GLY A 40 7.47 6.12 -14.88
CA GLY A 40 7.42 5.29 -16.09
C GLY A 40 8.76 4.79 -16.59
N HIS A 41 9.79 4.87 -15.76
CA HIS A 41 11.14 4.44 -16.11
C HIS A 41 11.43 3.07 -15.54
N CYS A 42 11.23 2.93 -14.24
CA CYS A 42 11.47 1.66 -13.52
C CYS A 42 10.36 0.64 -13.79
N LYS A 43 10.67 -0.39 -14.56
CA LYS A 43 9.74 -1.50 -14.81
C LYS A 43 9.93 -2.68 -13.84
N GLU A 44 11.10 -2.75 -13.19
CA GLU A 44 11.41 -3.81 -12.22
C GLU A 44 12.16 -3.27 -10.99
N ILE A 45 11.82 -3.81 -9.82
CA ILE A 45 12.51 -3.53 -8.56
C ILE A 45 12.96 -4.86 -7.94
N ILE A 46 14.21 -4.90 -7.47
CA ILE A 46 14.79 -6.13 -6.91
C ILE A 46 15.24 -5.91 -5.47
N VAL A 47 14.37 -6.26 -4.53
CA VAL A 47 14.70 -6.23 -3.10
C VAL A 47 15.48 -7.50 -2.76
N THR A 48 16.64 -7.35 -2.12
CA THR A 48 17.51 -8.49 -1.82
C THR A 48 17.96 -8.47 -0.35
N ILE A 49 17.53 -9.46 0.42
CA ILE A 49 17.96 -9.64 1.80
C ILE A 49 19.26 -10.45 1.80
N HIS A 50 20.38 -9.76 1.98
CA HIS A 50 21.70 -10.38 1.92
C HIS A 50 22.04 -11.19 3.14
N ALA A 51 23.11 -11.97 3.04
CA ALA A 51 23.53 -12.88 4.11
C ALA A 51 24.06 -12.19 5.39
N ASP A 52 24.55 -10.95 5.25
CA ASP A 52 25.20 -10.23 6.36
C ASP A 52 24.28 -9.20 7.06
N ASN A 53 22.99 -9.52 7.16
CA ASN A 53 21.98 -8.64 7.77
C ASN A 53 21.93 -7.26 7.10
N SER A 54 21.69 -7.26 5.79
CA SER A 54 21.55 -6.02 5.01
C SER A 54 20.61 -6.23 3.83
N VAL A 55 19.81 -5.20 3.52
CA VAL A 55 18.85 -5.24 2.43
C VAL A 55 19.29 -4.26 1.34
N SER A 56 19.20 -4.71 0.08
CA SER A 56 19.44 -3.85 -1.08
C SER A 56 18.19 -3.76 -1.96
N VAL A 57 18.06 -2.63 -2.64
CA VAL A 57 16.95 -2.39 -3.57
C VAL A 57 17.53 -1.91 -4.92
N GLN A 58 17.70 -2.85 -5.85
CA GLN A 58 18.13 -2.55 -7.21
C GLN A 58 16.90 -2.30 -8.07
N ASP A 59 16.80 -1.12 -8.67
CA ASP A 59 15.81 -0.84 -9.73
C ASP A 59 16.49 -0.61 -11.08
N ASP A 60 15.67 -0.55 -12.14
CA ASP A 60 16.15 -0.33 -13.52
C ASP A 60 15.64 1.02 -14.08
N GLY A 61 15.67 2.06 -13.26
CA GLY A 61 15.21 3.39 -13.63
C GLY A 61 16.23 4.19 -14.41
N ARG A 62 16.01 5.50 -14.50
CA ARG A 62 16.95 6.42 -15.14
C ARG A 62 18.18 6.69 -14.28
N GLY A 63 18.06 6.50 -12.96
CA GLY A 63 19.15 6.75 -12.01
C GLY A 63 18.92 8.04 -11.24
N ILE A 64 19.49 8.12 -10.04
CA ILE A 64 19.51 9.37 -9.28
C ILE A 64 20.45 10.35 -9.99
N PRO A 65 19.98 11.60 -10.27
CA PRO A 65 20.79 12.61 -10.94
C PRO A 65 22.19 12.80 -10.36
N THR A 66 23.20 12.55 -11.19
CA THR A 66 24.60 12.81 -10.86
C THR A 66 24.95 14.30 -10.98
N GLY A 67 24.12 15.06 -11.71
CA GLY A 67 24.31 16.49 -11.94
C GLY A 67 24.75 17.27 -10.70
N ILE A 68 25.86 17.97 -10.82
CA ILE A 68 26.53 18.60 -9.66
C ILE A 68 25.71 19.79 -9.15
N HIS A 69 25.37 19.76 -7.86
CA HIS A 69 24.52 20.78 -7.24
C HIS A 69 25.35 22.00 -6.95
N PRO A 70 24.96 23.19 -7.49
CA PRO A 70 25.81 24.38 -7.36
C PRO A 70 25.81 25.03 -5.97
N GLU A 71 24.64 25.07 -5.32
CA GLU A 71 24.50 25.67 -3.99
C GLU A 71 25.25 24.88 -2.92
N GLU A 72 24.99 23.57 -2.88
CA GLU A 72 25.65 22.66 -1.94
C GLU A 72 27.11 22.41 -2.29
N GLY A 73 27.39 22.20 -3.58
CA GLY A 73 28.73 21.87 -4.08
C GLY A 73 28.85 20.40 -4.44
N VAL A 74 28.33 19.54 -3.57
CA VAL A 74 28.28 18.08 -3.81
C VAL A 74 27.28 17.72 -4.91
N SER A 75 27.25 16.44 -5.29
CA SER A 75 26.33 15.93 -6.31
C SER A 75 24.87 16.00 -5.87
N ALA A 76 23.96 15.98 -6.85
CA ALA A 76 22.51 15.99 -6.58
C ALA A 76 22.04 14.73 -5.84
N ALA A 77 22.74 13.62 -6.04
CA ALA A 77 22.45 12.36 -5.33
C ALA A 77 22.72 12.47 -3.83
N GLU A 78 23.88 13.06 -3.48
CA GLU A 78 24.25 13.29 -2.08
C GLU A 78 23.24 14.19 -1.34
N VAL A 79 22.67 15.17 -2.05
CA VAL A 79 21.65 16.05 -1.50
C VAL A 79 20.36 15.26 -1.18
N ILE A 80 19.93 14.44 -2.13
CA ILE A 80 18.77 13.54 -1.93
C ILE A 80 19.04 12.51 -0.81
N MET A 81 20.29 12.05 -0.71
CA MET A 81 20.67 11.02 0.27
C MET A 81 21.01 11.55 1.67
N THR A 82 20.99 12.87 1.87
CA THR A 82 21.31 13.49 3.19
C THR A 82 20.33 14.57 3.64
N VAL A 83 20.00 15.51 2.75
CA VAL A 83 19.12 16.63 3.10
C VAL A 83 17.66 16.17 3.18
N LEU A 84 16.99 16.51 4.28
CA LEU A 84 15.60 16.10 4.51
C LEU A 84 14.62 16.94 3.71
N HIS A 85 13.53 16.31 3.26
CA HIS A 85 12.47 16.99 2.50
C HIS A 85 11.58 17.79 3.42
N VAL A 104 8.82 10.43 3.96
CA VAL A 104 9.90 10.33 4.95
C VAL A 104 11.25 10.77 4.39
N GLY A 105 11.62 10.21 3.24
CA GLY A 105 12.89 10.50 2.57
C GLY A 105 13.93 9.41 2.83
N VAL A 106 14.82 9.20 1.85
CA VAL A 106 15.87 8.18 1.94
C VAL A 106 17.02 8.61 2.87
N SER A 107 17.15 9.91 3.10
CA SER A 107 18.11 10.45 4.07
C SER A 107 17.90 9.93 5.50
N VAL A 108 16.65 9.64 5.86
CA VAL A 108 16.31 9.00 7.13
C VAL A 108 16.89 7.58 7.18
N VAL A 109 16.71 6.83 6.09
CA VAL A 109 17.28 5.48 5.95
C VAL A 109 18.81 5.50 5.98
N ASN A 110 19.40 6.53 5.34
CA ASN A 110 20.86 6.72 5.33
C ASN A 110 21.41 7.13 6.70
N ALA A 111 20.68 7.98 7.41
CA ALA A 111 21.08 8.47 8.74
C ALA A 111 21.09 7.39 9.81
N LEU A 112 20.17 6.42 9.70
CA LEU A 112 20.00 5.34 10.69
C LEU A 112 20.64 4.02 10.24
N SER A 113 21.74 4.11 9.49
CA SER A 113 22.43 2.94 8.94
C SER A 113 23.92 3.01 9.25
N GLN A 114 24.47 1.94 9.82
CA GLN A 114 25.92 1.85 10.10
C GLN A 114 26.77 1.96 8.82
N LYS A 115 26.21 1.46 7.71
CA LYS A 115 26.79 1.66 6.38
C LYS A 115 25.65 1.73 5.34
N LEU A 116 25.89 2.49 4.27
CA LEU A 116 24.99 2.52 3.11
C LEU A 116 25.79 2.59 1.81
N GLU A 117 25.67 1.55 0.99
CA GLU A 117 26.29 1.48 -0.33
C GLU A 117 25.31 2.01 -1.38
N LEU A 118 25.61 3.20 -1.92
CA LEU A 118 24.85 3.79 -3.02
C LEU A 118 25.59 3.52 -4.33
N VAL A 119 24.89 2.94 -5.30
CA VAL A 119 25.44 2.71 -6.65
C VAL A 119 24.41 3.13 -7.69
N ILE A 120 24.77 4.11 -8.52
CA ILE A 120 23.88 4.70 -9.52
C ILE A 120 24.44 4.49 -10.93
N GLN A 121 23.68 3.78 -11.77
CA GLN A 121 23.99 3.60 -13.18
C GLN A 121 23.14 4.58 -13.99
N ARG A 122 23.77 5.63 -14.54
CA ARG A 122 23.04 6.73 -15.20
C ARG A 122 23.28 6.84 -16.71
N GLU A 123 24.37 7.49 -17.13
CA GLU A 123 24.65 7.70 -18.55
C GLU A 123 25.24 6.41 -19.13
N GLY A 124 26.56 6.30 -19.16
CA GLY A 124 27.24 5.01 -19.29
C GLY A 124 28.35 4.96 -18.27
N LYS A 125 28.02 5.31 -17.03
CA LYS A 125 29.00 5.45 -15.94
C LYS A 125 28.42 4.96 -14.61
N ILE A 126 29.04 3.92 -14.05
CA ILE A 126 28.67 3.40 -12.73
C ILE A 126 29.22 4.34 -11.65
N HIS A 127 28.34 5.20 -11.13
CA HIS A 127 28.68 6.10 -10.02
C HIS A 127 28.47 5.37 -8.73
N ARG A 128 29.46 5.45 -7.83
CA ARG A 128 29.40 4.76 -6.53
C ARG A 128 29.67 5.72 -5.37
N GLN A 129 29.04 5.45 -4.23
CA GLN A 129 29.27 6.22 -2.99
C GLN A 129 28.94 5.37 -1.75
N ILE A 130 29.87 5.34 -0.80
CA ILE A 130 29.68 4.67 0.49
C ILE A 130 29.36 5.72 1.55
N TYR A 131 28.42 5.41 2.44
CA TYR A 131 28.12 6.22 3.61
C TYR A 131 28.35 5.40 4.88
N GLU A 132 28.54 6.11 6.01
CA GLU A 132 28.58 5.51 7.34
C GLU A 132 27.92 6.46 8.34
N HIS A 133 26.80 6.02 8.93
CA HIS A 133 25.96 6.84 9.84
C HIS A 133 25.50 8.14 9.22
N GLY A 134 25.13 8.09 7.94
CA GLY A 134 24.65 9.26 7.20
C GLY A 134 25.72 10.08 6.48
N VAL A 135 26.93 10.12 7.05
CA VAL A 135 28.04 10.87 6.47
C VAL A 135 28.72 10.05 5.37
N PRO A 136 29.01 10.67 4.20
CA PRO A 136 29.70 9.95 3.13
C PRO A 136 31.20 9.76 3.41
N GLN A 137 31.69 8.54 3.20
CA GLN A 137 33.12 8.24 3.33
C GLN A 137 33.98 8.99 2.30
N ALA A 138 33.42 9.15 1.09
CA ALA A 138 34.03 10.00 0.05
C ALA A 138 32.93 10.56 -0.88
N PRO A 139 33.28 11.52 -1.76
CA PRO A 139 32.29 12.03 -2.73
C PRO A 139 31.86 10.99 -3.77
N LEU A 140 30.78 11.29 -4.49
CA LEU A 140 30.29 10.43 -5.57
C LEU A 140 31.29 10.44 -6.71
N ALA A 141 31.75 9.24 -7.12
CA ALA A 141 32.80 9.09 -8.12
C ALA A 141 32.50 7.93 -9.07
N VAL A 142 32.92 8.07 -10.33
CA VAL A 142 32.67 7.07 -11.37
C VAL A 142 33.65 5.90 -11.20
N THR A 143 33.15 4.77 -10.70
CA THR A 143 33.97 3.57 -10.52
C THR A 143 34.30 2.90 -11.86
N GLY A 144 33.29 2.74 -12.71
CA GLY A 144 33.47 2.17 -14.05
C GLY A 144 32.39 2.58 -15.02
N GLU A 145 32.31 1.87 -16.15
CA GLU A 145 31.30 2.12 -17.19
C GLU A 145 30.21 1.05 -17.19
N THR A 146 29.11 1.34 -17.89
CA THR A 146 27.98 0.41 -18.00
C THR A 146 27.05 0.77 -19.17
N GLU A 147 26.42 -0.25 -19.75
CA GLU A 147 25.41 -0.05 -20.79
C GLU A 147 24.01 0.15 -20.18
N LYS A 148 23.75 -0.52 -19.05
CA LYS A 148 22.46 -0.46 -18.39
C LYS A 148 22.25 0.84 -17.61
N THR A 149 21.01 1.07 -17.18
CA THR A 149 20.64 2.23 -16.35
C THR A 149 19.81 1.77 -15.14
N GLY A 150 19.99 2.46 -14.01
CA GLY A 150 19.26 2.12 -12.78
C GLY A 150 19.84 2.72 -11.51
N THR A 151 19.20 2.39 -10.39
CA THR A 151 19.61 2.83 -9.05
C THR A 151 19.66 1.64 -8.10
N MET A 152 20.78 1.48 -7.39
CA MET A 152 20.94 0.45 -6.37
C MET A 152 21.34 1.11 -5.06
N VAL A 153 20.61 0.78 -3.99
CA VAL A 153 20.91 1.25 -2.64
C VAL A 153 20.89 0.05 -1.69
N ARG A 154 22.06 -0.26 -1.12
CA ARG A 154 22.20 -1.35 -0.14
C ARG A 154 22.62 -0.77 1.20
N PHE A 155 21.78 -0.97 2.23
CA PHE A 155 22.01 -0.38 3.55
C PHE A 155 22.14 -1.42 4.67
N TRP A 156 23.02 -1.13 5.62
CA TRP A 156 23.22 -1.94 6.83
C TRP A 156 22.62 -1.15 7.96
N PRO A 157 21.52 -1.64 8.57
CA PRO A 157 20.87 -0.85 9.63
C PRO A 157 21.68 -0.82 10.93
N SER A 158 21.77 0.35 11.55
CA SER A 158 22.62 0.56 12.73
C SER A 158 22.02 -0.08 13.98
N LEU A 159 22.79 -0.94 14.64
CA LEU A 159 22.36 -1.61 15.88
C LEU A 159 22.29 -0.66 17.08
N GLU A 160 22.96 0.50 16.98
CA GLU A 160 22.77 1.60 17.94
C GLU A 160 21.34 2.14 17.91
N THR A 161 20.75 2.21 16.71
CA THR A 161 19.36 2.62 16.53
C THR A 161 18.39 1.47 16.83
N PHE A 162 18.50 0.39 16.06
CA PHE A 162 17.54 -0.73 16.11
C PHE A 162 18.04 -1.82 17.06
N THR A 163 17.29 -2.05 18.14
CA THR A 163 17.79 -2.83 19.29
C THR A 163 17.36 -4.30 19.26
N ASN A 164 16.07 -4.56 19.48
CA ASN A 164 15.58 -5.93 19.69
C ASN A 164 15.47 -6.72 18.38
N VAL A 165 14.53 -6.33 17.51
CA VAL A 165 14.39 -6.94 16.18
C VAL A 165 15.46 -6.34 15.27
N THR A 166 16.56 -7.08 15.10
CA THR A 166 17.73 -6.64 14.32
C THR A 166 17.82 -7.31 12.95
N GLU A 167 17.47 -8.59 12.88
CA GLU A 167 17.47 -9.34 11.62
C GLU A 167 16.23 -9.02 10.81
N PHE A 168 16.39 -8.91 9.49
CA PHE A 168 15.26 -8.72 8.58
C PHE A 168 14.41 -9.98 8.47
N GLU A 169 13.15 -9.80 8.12
CA GLU A 169 12.14 -10.85 8.18
C GLU A 169 11.45 -10.95 6.82
N TYR A 170 11.56 -12.11 6.18
CA TYR A 170 11.10 -12.30 4.81
C TYR A 170 9.60 -12.08 4.62
N GLU A 171 8.80 -12.67 5.51
CA GLU A 171 7.34 -12.61 5.42
C GLU A 171 6.76 -11.19 5.56
N ILE A 172 7.44 -10.35 6.34
CA ILE A 172 7.04 -8.94 6.51
C ILE A 172 7.30 -8.15 5.24
N LEU A 173 8.50 -8.30 4.68
CA LEU A 173 8.84 -7.71 3.38
C LEU A 173 8.01 -8.32 2.24
N ALA A 174 7.72 -9.62 2.33
CA ALA A 174 6.90 -10.32 1.33
C ALA A 174 5.48 -9.79 1.25
N LYS A 175 4.82 -9.67 2.39
CA LYS A 175 3.42 -9.19 2.47
C LYS A 175 3.24 -7.75 1.98
N ARG A 176 4.22 -6.89 2.26
CA ARG A 176 4.14 -5.46 1.92
C ARG A 176 4.54 -5.18 0.46
N LEU A 177 5.64 -5.79 0.02
CA LEU A 177 6.06 -5.69 -1.40
C LEU A 177 5.00 -6.27 -2.35
N ARG A 178 4.33 -7.33 -1.91
CA ARG A 178 3.21 -7.92 -2.66
C ARG A 178 2.02 -6.96 -2.76
N GLU A 179 1.66 -6.32 -1.64
CA GLU A 179 0.56 -5.34 -1.64
C GLU A 179 0.93 -4.03 -2.35
N LEU A 180 2.21 -3.66 -2.29
CA LEU A 180 2.74 -2.55 -3.11
C LEU A 180 2.63 -2.83 -4.62
N SER A 181 2.78 -4.09 -5.02
CA SER A 181 2.61 -4.50 -6.41
C SER A 181 1.16 -4.40 -6.88
N PHE A 182 0.22 -4.82 -6.03
CA PHE A 182 -1.22 -4.59 -6.28
C PHE A 182 -1.54 -3.10 -6.35
N LEU A 183 -1.04 -2.34 -5.38
CA LEU A 183 -1.32 -0.90 -5.28
C LEU A 183 -0.66 -0.03 -6.36
N ASN A 184 0.38 -0.56 -7.01
CA ASN A 184 1.03 0.09 -8.16
C ASN A 184 0.81 -0.76 -9.40
N SER A 185 -0.32 -0.53 -10.08
CA SER A 185 -0.87 -1.39 -11.15
C SER A 185 0.12 -2.38 -11.78
N GLY A 186 0.93 -1.91 -12.73
CA GLY A 186 1.88 -2.76 -13.46
C GLY A 186 3.32 -2.45 -13.11
N VAL A 187 3.81 -3.09 -12.04
CA VAL A 187 5.23 -2.97 -11.63
C VAL A 187 5.72 -4.29 -11.04
N SER A 188 6.93 -4.69 -11.44
CA SER A 188 7.54 -5.95 -10.99
C SER A 188 8.37 -5.71 -9.73
N ILE A 189 8.09 -6.49 -8.70
CA ILE A 189 8.91 -6.52 -7.49
C ILE A 189 9.41 -7.94 -7.27
N ARG A 190 10.74 -8.09 -7.22
CA ARG A 190 11.39 -9.36 -6.91
C ARG A 190 11.99 -9.28 -5.51
N LEU A 191 11.66 -10.26 -4.67
CA LEU A 191 12.22 -10.38 -3.33
C LEU A 191 13.09 -11.63 -3.29
N ARG A 192 14.36 -11.46 -2.92
CA ARG A 192 15.33 -12.56 -2.83
C ARG A 192 15.93 -12.63 -1.43
N ASP A 193 16.00 -13.84 -0.89
CA ASP A 193 16.61 -14.10 0.42
C ASP A 193 17.82 -15.03 0.22
N LYS A 194 19.01 -14.43 0.23
CA LYS A 194 20.27 -15.17 0.07
C LYS A 194 20.66 -16.02 1.28
N ARG A 195 20.00 -15.80 2.42
CA ARG A 195 20.24 -16.58 3.64
C ARG A 195 19.75 -18.03 3.52
N ASP A 196 18.60 -18.22 2.86
CA ASP A 196 18.03 -19.56 2.64
C ASP A 196 17.54 -19.82 1.19
N GLY A 197 17.90 -18.96 0.25
CA GLY A 197 17.48 -19.09 -1.15
C GLY A 197 15.99 -18.91 -1.43
N LYS A 198 15.26 -18.28 -0.50
CA LYS A 198 13.82 -18.08 -0.64
C LYS A 198 13.56 -16.93 -1.61
N GLU A 199 12.59 -17.11 -2.51
CA GLU A 199 12.40 -16.19 -3.63
C GLU A 199 10.91 -15.99 -3.95
N ASP A 200 10.56 -14.75 -4.35
CA ASP A 200 9.23 -14.41 -4.84
C ASP A 200 9.31 -13.38 -5.95
N HIS A 201 8.28 -13.35 -6.79
CA HIS A 201 8.15 -12.38 -7.89
C HIS A 201 6.73 -11.89 -7.96
N PHE A 202 6.53 -10.65 -7.52
CA PHE A 202 5.20 -10.03 -7.51
C PHE A 202 5.07 -9.10 -8.72
N HIS A 203 4.19 -9.48 -9.65
CA HIS A 203 3.93 -8.68 -10.86
C HIS A 203 2.47 -8.71 -11.22
N TYR A 204 1.63 -8.33 -10.26
CA TYR A 204 0.18 -8.38 -10.40
C TYR A 204 -0.35 -7.24 -11.27
N GLU A 205 -0.45 -7.49 -12.58
CA GLU A 205 -0.92 -6.49 -13.55
C GLU A 205 -2.38 -6.06 -13.37
N GLY A 206 -3.20 -6.92 -12.75
CA GLY A 206 -4.60 -6.62 -12.45
C GLY A 206 -4.84 -5.45 -11.49
N GLY A 207 -3.84 -5.16 -10.65
CA GLY A 207 -3.91 -4.03 -9.71
C GLY A 207 -4.70 -4.38 -8.47
N ILE A 208 -5.50 -3.43 -7.96
CA ILE A 208 -6.36 -3.69 -6.79
C ILE A 208 -7.52 -4.64 -7.10
N LYS A 209 -7.84 -4.81 -8.39
CA LYS A 209 -8.76 -5.85 -8.85
C LYS A 209 -8.17 -7.24 -8.63
N ALA A 210 -6.89 -7.41 -8.96
CA ALA A 210 -6.13 -8.65 -8.68
C ALA A 210 -5.86 -8.87 -7.19
N PHE A 211 -5.81 -7.78 -6.42
CA PHE A 211 -5.75 -7.80 -4.94
C PHE A 211 -6.96 -8.56 -4.40
N VAL A 212 -8.14 -8.17 -4.88
CA VAL A 212 -9.40 -8.82 -4.49
C VAL A 212 -9.40 -10.31 -4.86
N GLU A 213 -8.85 -10.65 -6.02
CA GLU A 213 -8.73 -12.05 -6.47
C GLU A 213 -7.82 -12.87 -5.54
N TYR A 214 -6.66 -12.30 -5.20
CA TYR A 214 -5.72 -12.91 -4.25
C TYR A 214 -6.33 -13.16 -2.88
N LEU A 215 -7.07 -12.18 -2.38
CA LEU A 215 -7.80 -12.32 -1.12
C LEU A 215 -8.93 -13.36 -1.20
N ASN A 216 -9.55 -13.47 -2.39
CA ASN A 216 -10.61 -14.45 -2.66
C ASN A 216 -10.15 -15.78 -3.31
N LYS A 217 -8.85 -15.96 -3.52
CA LYS A 217 -8.35 -17.15 -4.26
C LYS A 217 -8.61 -18.46 -3.50
N ASN A 218 -8.42 -18.43 -2.19
CA ASN A 218 -8.78 -19.56 -1.31
C ASN A 218 -10.26 -19.56 -0.89
N LYS A 219 -10.89 -18.38 -0.94
CA LYS A 219 -12.33 -18.25 -0.66
C LYS A 219 -13.17 -18.73 -1.86
N THR A 220 -14.49 -18.76 -1.69
CA THR A 220 -15.42 -19.07 -2.78
C THR A 220 -16.27 -17.83 -3.12
N PRO A 221 -15.93 -17.12 -4.22
CA PRO A 221 -16.77 -16.00 -4.67
C PRO A 221 -18.15 -16.45 -5.18
N ILE A 222 -19.21 -15.82 -4.68
CA ILE A 222 -20.58 -16.13 -5.09
C ILE A 222 -20.97 -15.53 -6.46
N HIS A 223 -20.19 -14.55 -6.94
CA HIS A 223 -20.42 -13.94 -8.26
C HIS A 223 -19.12 -13.66 -8.99
N PRO A 224 -19.12 -13.72 -10.34
CA PRO A 224 -17.86 -13.65 -11.10
C PRO A 224 -17.26 -12.25 -11.26
N ASN A 225 -18.08 -11.26 -11.65
CA ASN A 225 -17.59 -9.92 -11.99
C ASN A 225 -17.23 -9.11 -10.74
N ILE A 226 -15.94 -8.80 -10.58
CA ILE A 226 -15.45 -7.99 -9.48
C ILE A 226 -15.79 -6.53 -9.76
N PHE A 227 -16.50 -5.87 -8.86
CA PHE A 227 -16.78 -4.43 -8.98
C PHE A 227 -15.49 -3.66 -8.84
N TYR A 228 -15.25 -2.72 -9.76
CA TYR A 228 -14.03 -1.91 -9.78
C TYR A 228 -14.31 -0.52 -10.35
N PHE A 229 -13.57 0.47 -9.85
CA PHE A 229 -13.42 1.76 -10.55
C PHE A 229 -12.12 2.46 -10.15
N SER A 230 -11.81 3.55 -10.84
CA SER A 230 -10.65 4.39 -10.54
C SER A 230 -10.93 5.83 -11.00
N THR A 231 -11.40 6.65 -10.07
CA THR A 231 -11.88 8.00 -10.38
C THR A 231 -11.14 9.08 -9.59
N GLU A 232 -11.31 10.33 -10.02
CA GLU A 232 -10.61 11.47 -9.44
C GLU A 232 -11.53 12.70 -9.40
N LYS A 233 -12.10 12.98 -8.22
CA LYS A 233 -13.05 14.07 -8.02
C LYS A 233 -12.58 15.03 -6.92
N ASP A 234 -12.52 16.33 -7.25
CA ASP A 234 -12.13 17.40 -6.33
C ASP A 234 -10.73 17.20 -5.71
N GLY A 235 -9.77 16.80 -6.54
CA GLY A 235 -8.39 16.57 -6.11
C GLY A 235 -8.08 15.23 -5.45
N ILE A 236 -9.12 14.46 -5.12
CA ILE A 236 -8.98 13.21 -4.37
C ILE A 236 -9.19 12.02 -5.31
N GLY A 237 -8.13 11.23 -5.51
CA GLY A 237 -8.22 9.97 -6.25
C GLY A 237 -8.89 8.91 -5.41
N VAL A 238 -9.84 8.19 -6.00
CA VAL A 238 -10.56 7.10 -5.33
C VAL A 238 -10.55 5.84 -6.21
N GLU A 239 -9.81 4.83 -5.78
CA GLU A 239 -9.77 3.53 -6.46
C GLU A 239 -10.29 2.45 -5.50
N VAL A 240 -11.41 1.83 -5.86
CA VAL A 240 -12.05 0.80 -5.03
C VAL A 240 -12.31 -0.46 -5.84
N ALA A 241 -12.04 -1.62 -5.24
CA ALA A 241 -12.35 -2.93 -5.83
C ALA A 241 -12.86 -3.88 -4.75
N LEU A 242 -14.02 -4.51 -4.99
CA LEU A 242 -14.66 -5.40 -4.01
C LEU A 242 -15.36 -6.60 -4.63
N GLN A 243 -15.48 -7.67 -3.85
CA GLN A 243 -16.17 -8.90 -4.25
C GLN A 243 -16.64 -9.68 -3.02
N TRP A 244 -17.92 -10.02 -2.99
CA TRP A 244 -18.48 -10.88 -1.95
C TRP A 244 -18.08 -12.31 -2.11
N ASN A 245 -18.05 -13.04 -0.99
CA ASN A 245 -17.85 -14.50 -0.98
C ASN A 245 -18.98 -15.22 -0.22
N ASP A 246 -18.95 -16.55 -0.25
CA ASP A 246 -19.95 -17.38 0.46
C ASP A 246 -19.90 -17.26 1.99
N GLY A 247 -18.73 -16.90 2.53
CA GLY A 247 -18.55 -16.74 3.97
C GLY A 247 -19.27 -15.55 4.57
N PHE A 248 -19.02 -15.31 5.86
CA PHE A 248 -19.69 -14.25 6.63
C PHE A 248 -18.71 -13.25 7.26
N GLN A 249 -17.48 -13.19 6.73
CA GLN A 249 -16.42 -12.33 7.26
C GLN A 249 -16.26 -11.07 6.41
N GLU A 250 -16.22 -9.92 7.07
CA GLU A 250 -15.88 -8.64 6.42
C GLU A 250 -14.36 -8.51 6.41
N ASN A 251 -13.79 -8.13 5.26
CA ASN A 251 -12.34 -7.92 5.12
C ASN A 251 -12.04 -6.76 4.16
N ILE A 252 -12.20 -5.53 4.65
CA ILE A 252 -11.96 -4.32 3.87
C ILE A 252 -10.56 -3.79 4.15
N TYR A 253 -9.70 -3.78 3.14
CA TYR A 253 -8.31 -3.35 3.26
C TYR A 253 -8.15 -1.93 2.72
N CYS A 254 -7.90 -0.99 3.63
CA CYS A 254 -7.94 0.44 3.32
C CYS A 254 -6.55 1.03 3.18
N PHE A 255 -6.38 1.94 2.20
CA PHE A 255 -5.08 2.56 1.89
C PHE A 255 -5.20 4.05 1.56
N THR A 256 -4.17 4.82 1.94
CA THR A 256 -4.08 6.26 1.64
C THR A 256 -2.66 6.58 1.17
N ASN A 257 -2.52 6.92 -0.12
CA ASN A 257 -1.21 7.04 -0.78
C ASN A 257 -0.35 5.77 -0.62
N ASN A 258 -1.00 4.62 -0.83
CA ASN A 258 -0.41 3.28 -0.64
C ASN A 258 0.00 2.90 0.79
N ILE A 259 -0.29 3.76 1.76
CA ILE A 259 0.02 3.50 3.18
C ILE A 259 -1.22 2.84 3.78
N PRO A 260 -1.06 1.69 4.44
CA PRO A 260 -2.23 0.99 4.97
C PRO A 260 -2.86 1.67 6.17
N GLN A 261 -4.14 1.40 6.41
CA GLN A 261 -4.87 1.85 7.60
C GLN A 261 -5.49 0.64 8.31
N ARG A 262 -4.87 0.23 9.42
CA ARG A 262 -5.35 -0.90 10.21
C ARG A 262 -6.72 -0.63 10.84
N ASP A 263 -6.84 0.51 11.52
CA ASP A 263 -8.08 0.88 12.23
C ASP A 263 -9.15 1.54 11.34
N GLY A 264 -8.94 1.60 10.02
CA GLY A 264 -9.93 2.12 9.08
C GLY A 264 -9.77 3.60 8.88
N GLY A 265 -10.88 4.34 8.84
CA GLY A 265 -10.85 5.80 8.69
C GLY A 265 -12.08 6.38 8.01
N THR A 266 -11.92 7.59 7.45
CA THR A 266 -13.00 8.31 6.77
C THR A 266 -13.34 7.65 5.44
N HIS A 267 -12.29 7.32 4.68
CA HIS A 267 -12.42 6.48 3.47
C HIS A 267 -13.17 5.20 3.67
N LEU A 268 -12.93 4.50 4.79
CA LEU A 268 -13.72 3.33 5.17
C LEU A 268 -15.16 3.69 5.52
N ALA A 269 -15.36 4.85 6.15
CA ALA A 269 -16.69 5.34 6.52
C ALA A 269 -17.53 5.67 5.30
N GLY A 270 -16.95 6.41 4.35
CA GLY A 270 -17.62 6.74 3.08
C GLY A 270 -17.93 5.53 2.22
N PHE A 271 -17.01 4.57 2.20
CA PHE A 271 -17.21 3.27 1.54
C PHE A 271 -18.45 2.57 2.10
N ARG A 272 -18.48 2.39 3.42
CA ARG A 272 -19.61 1.78 4.13
C ARG A 272 -20.91 2.58 3.99
N ALA A 273 -20.80 3.91 3.99
CA ALA A 273 -21.95 4.79 3.82
C ALA A 273 -22.62 4.55 2.48
N ALA A 274 -21.83 4.65 1.42
CA ALA A 274 -22.31 4.43 0.05
C ALA A 274 -22.75 2.99 -0.21
N MET A 275 -22.02 2.02 0.36
CA MET A 275 -22.36 0.60 0.29
C MET A 275 -23.80 0.35 0.74
N THR A 276 -24.16 0.90 1.89
CA THR A 276 -25.49 0.71 2.48
C THR A 276 -26.58 1.42 1.67
N ARG A 277 -26.38 2.70 1.41
CA ARG A 277 -27.33 3.51 0.62
C ARG A 277 -27.66 2.85 -0.72
N THR A 278 -26.60 2.49 -1.45
CA THR A 278 -26.72 1.91 -2.80
C THR A 278 -27.49 0.60 -2.82
N LEU A 279 -27.08 -0.33 -1.96
CA LEU A 279 -27.72 -1.65 -1.86
C LEU A 279 -29.17 -1.56 -1.37
N ASN A 280 -29.43 -0.69 -0.39
CA ASN A 280 -30.80 -0.42 0.07
C ASN A 280 -31.64 0.21 -1.03
N ALA A 281 -31.09 1.23 -1.69
CA ALA A 281 -31.75 1.90 -2.82
C ALA A 281 -32.08 0.94 -3.96
N TYR A 282 -31.17 0.02 -4.25
CA TYR A 282 -31.38 -1.02 -5.26
C TYR A 282 -32.48 -2.00 -4.83
N MET A 283 -32.30 -2.58 -3.64
CA MET A 283 -33.24 -3.56 -3.07
C MET A 283 -34.67 -3.04 -2.93
N ASP A 284 -34.80 -1.77 -2.53
CA ASP A 284 -36.12 -1.11 -2.43
C ASP A 284 -36.72 -0.81 -3.80
N LYS A 285 -35.89 -0.34 -4.74
CA LYS A 285 -36.35 0.00 -6.10
C LYS A 285 -36.79 -1.23 -6.89
N GLU A 286 -35.94 -2.25 -6.91
CA GLU A 286 -36.26 -3.52 -7.59
C GLU A 286 -37.32 -4.36 -6.86
N GLY A 287 -37.54 -4.07 -5.57
CA GLY A 287 -38.62 -4.69 -4.80
C GLY A 287 -38.23 -5.92 -3.99
N TYR A 288 -36.96 -6.02 -3.62
CA TYR A 288 -36.45 -7.16 -2.84
C TYR A 288 -36.80 -7.06 -1.36
N SER A 289 -36.73 -5.84 -0.81
CA SER A 289 -37.13 -5.57 0.58
C SER A 289 -38.64 -5.77 0.81
N LYS A 290 -39.44 -5.44 -0.20
CA LYS A 290 -40.91 -5.57 -0.14
C LYS A 290 -41.35 -7.03 -0.11
N LYS A 291 -40.78 -7.84 -1.00
CA LYS A 291 -41.06 -9.28 -1.06
C LYS A 291 -40.56 -10.03 0.17
N ALA A 292 -39.34 -9.70 0.61
CA ALA A 292 -38.73 -10.32 1.79
C ALA A 292 -39.39 -9.94 3.12
N LYS A 293 -40.09 -8.81 3.16
CA LYS A 293 -40.68 -8.25 4.38
C LYS A 293 -39.63 -7.93 5.44
N VAL A 294 -38.46 -7.49 4.99
CA VAL A 294 -37.27 -7.33 5.84
C VAL A 294 -36.47 -6.09 5.43
N SER A 295 -35.99 -5.35 6.43
CA SER A 295 -35.16 -4.15 6.21
C SER A 295 -33.68 -4.52 6.43
N ALA A 296 -32.87 -4.32 5.39
CA ALA A 296 -31.44 -4.68 5.42
C ALA A 296 -30.59 -3.53 5.91
N THR A 297 -29.60 -3.85 6.74
CA THR A 297 -28.63 -2.88 7.28
C THR A 297 -27.24 -3.12 6.69
N GLY A 298 -26.30 -2.23 7.01
CA GLY A 298 -24.91 -2.34 6.59
C GLY A 298 -24.22 -3.64 6.99
N ASP A 299 -24.49 -4.09 8.22
CA ASP A 299 -23.96 -5.37 8.75
C ASP A 299 -24.22 -6.58 7.87
N ASP A 300 -25.38 -6.63 7.22
CA ASP A 300 -25.75 -7.72 6.31
C ASP A 300 -24.98 -7.60 5.00
N ALA A 301 -24.94 -6.39 4.44
CA ALA A 301 -24.14 -6.09 3.24
C ALA A 301 -22.64 -6.30 3.47
N ARG A 302 -22.18 -6.08 4.69
CA ARG A 302 -20.78 -6.31 5.07
C ARG A 302 -20.39 -7.79 5.18
N GLU A 303 -21.36 -8.67 5.46
CA GLU A 303 -21.09 -10.10 5.64
C GLU A 303 -20.59 -10.79 4.35
N GLY A 304 -19.38 -11.34 4.42
CA GLY A 304 -18.75 -12.02 3.29
C GLY A 304 -18.02 -11.10 2.32
N LEU A 305 -17.91 -9.82 2.66
CA LEU A 305 -17.30 -8.82 1.79
C LEU A 305 -15.78 -8.86 1.91
N ILE A 306 -15.10 -8.98 0.77
CA ILE A 306 -13.70 -8.61 0.64
C ILE A 306 -13.66 -7.33 -0.19
N ALA A 307 -12.81 -6.39 0.20
CA ALA A 307 -12.73 -5.10 -0.47
C ALA A 307 -11.36 -4.44 -0.29
N VAL A 308 -11.01 -3.62 -1.27
CA VAL A 308 -9.83 -2.73 -1.18
C VAL A 308 -10.29 -1.33 -1.53
N VAL A 309 -9.91 -0.36 -0.70
CA VAL A 309 -10.19 1.06 -0.93
C VAL A 309 -8.87 1.82 -0.93
N SER A 310 -8.31 2.00 -2.13
CA SER A 310 -7.06 2.73 -2.31
C SER A 310 -7.37 4.16 -2.76
N VAL A 311 -7.29 5.10 -1.81
CA VAL A 311 -7.50 6.52 -2.09
C VAL A 311 -6.17 7.25 -2.21
N LYS A 312 -6.14 8.28 -3.05
CA LYS A 312 -4.94 9.10 -3.29
C LYS A 312 -5.25 10.54 -2.90
N VAL A 313 -4.67 10.97 -1.78
CA VAL A 313 -4.91 12.30 -1.21
C VAL A 313 -3.60 13.09 -1.24
N PRO A 314 -3.64 14.37 -1.71
CA PRO A 314 -2.40 15.15 -1.83
C PRO A 314 -1.79 15.52 -0.48
N ASP A 315 -2.60 16.05 0.43
CA ASP A 315 -2.17 16.42 1.79
C ASP A 315 -3.14 15.86 2.83
N PRO A 316 -3.02 14.54 3.13
CA PRO A 316 -3.95 13.87 4.05
C PRO A 316 -3.61 14.08 5.53
N LYS A 317 -4.64 13.99 6.37
CA LYS A 317 -4.49 14.04 7.83
C LYS A 317 -4.81 12.66 8.41
N PHE A 318 -3.98 12.20 9.34
CA PHE A 318 -4.20 10.93 10.06
C PHE A 318 -4.40 11.19 11.56
N SER A 319 -4.83 10.15 12.27
CA SER A 319 -5.02 10.22 13.72
C SER A 319 -3.69 10.35 14.47
N SER A 320 -2.72 9.54 14.06
CA SER A 320 -1.36 9.58 14.63
C SER A 320 -0.31 9.36 13.53
N GLN A 321 0.96 9.41 13.92
CA GLN A 321 2.08 9.21 12.98
C GLN A 321 2.20 7.76 12.47
N THR A 322 1.55 6.81 13.15
CA THR A 322 1.44 5.42 12.66
C THR A 322 0.61 5.31 11.38
N LYS A 323 -0.32 6.26 11.18
CA LYS A 323 -1.21 6.31 10.01
C LYS A 323 -2.16 5.10 9.92
N ASP A 324 -2.56 4.57 11.07
CA ASP A 324 -3.50 3.46 11.16
C ASP A 324 -4.96 3.90 10.95
N LYS A 325 -5.24 5.20 11.10
CA LYS A 325 -6.56 5.76 10.84
C LYS A 325 -6.48 7.11 10.12
N LEU A 326 -7.26 7.24 9.04
CA LEU A 326 -7.35 8.47 8.26
C LEU A 326 -8.49 9.33 8.80
N VAL A 327 -8.23 10.63 9.01
CA VAL A 327 -9.22 11.57 9.55
C VAL A 327 -9.54 12.76 8.63
N SER A 328 -9.05 12.73 7.39
CA SER A 328 -9.39 13.75 6.38
C SER A 328 -10.87 13.63 6.02
N SER A 329 -11.67 14.57 6.52
CA SER A 329 -13.14 14.56 6.34
C SER A 329 -13.58 14.67 4.88
N GLU A 330 -12.78 15.37 4.06
CA GLU A 330 -13.03 15.48 2.61
C GLU A 330 -13.02 14.13 1.87
N VAL A 331 -12.24 13.17 2.38
CA VAL A 331 -12.10 11.84 1.76
C VAL A 331 -13.37 10.98 1.90
N LYS A 332 -14.13 11.17 2.99
CA LYS A 332 -15.40 10.46 3.18
C LYS A 332 -16.40 10.83 2.07
N SER A 333 -16.64 12.12 1.92
CA SER A 333 -17.55 12.65 0.88
C SER A 333 -17.08 12.32 -0.54
N ALA A 334 -15.76 12.27 -0.74
CA ALA A 334 -15.18 11.88 -2.02
C ALA A 334 -15.46 10.41 -2.34
N VAL A 335 -15.16 9.53 -1.37
CA VAL A 335 -15.39 8.09 -1.52
C VAL A 335 -16.89 7.74 -1.58
N GLU A 336 -17.70 8.43 -0.79
CA GLU A 336 -19.14 8.13 -0.68
C GLU A 336 -19.89 8.36 -1.99
N GLN A 337 -19.78 9.56 -2.54
CA GLN A 337 -20.50 9.91 -3.79
C GLN A 337 -19.99 9.15 -5.02
N GLN A 338 -18.69 8.89 -5.07
CA GLN A 338 -18.10 8.11 -6.18
C GLN A 338 -18.56 6.65 -6.16
N MET A 339 -18.53 6.04 -4.96
CA MET A 339 -19.11 4.71 -4.75
C MET A 339 -20.59 4.69 -5.14
N ASN A 340 -21.34 5.66 -4.63
CA ASN A 340 -22.79 5.75 -4.87
C ASN A 340 -23.22 5.77 -6.34
N GLU A 341 -22.44 6.47 -7.17
CA GLU A 341 -22.68 6.49 -8.62
C GLU A 341 -22.31 5.15 -9.25
N LEU A 342 -21.09 4.69 -8.99
CA LEU A 342 -20.49 3.57 -9.72
C LEU A 342 -20.93 2.19 -9.23
N LEU A 343 -21.19 2.05 -7.92
CA LEU A 343 -21.78 0.82 -7.38
C LEU A 343 -23.21 0.63 -7.89
N ALA A 344 -23.97 1.73 -7.95
CA ALA A 344 -25.30 1.74 -8.56
C ALA A 344 -25.24 1.40 -10.05
N GLU A 345 -24.22 1.92 -10.73
CA GLU A 345 -23.98 1.63 -12.16
C GLU A 345 -23.59 0.16 -12.35
N TYR A 346 -22.76 -0.36 -11.43
CA TYR A 346 -22.39 -1.78 -11.42
C TYR A 346 -23.60 -2.71 -11.26
N LEU A 347 -24.46 -2.39 -10.28
CA LEU A 347 -25.62 -3.24 -9.93
C LEU A 347 -26.59 -3.42 -11.10
N LEU A 348 -26.85 -2.36 -11.84
CA LEU A 348 -27.72 -2.41 -13.02
C LEU A 348 -27.07 -3.15 -14.19
N GLU A 349 -25.79 -2.83 -14.44
CA GLU A 349 -25.03 -3.44 -15.55
C GLU A 349 -24.66 -4.91 -15.33
N ASN A 350 -24.63 -5.35 -14.06
CA ASN A 350 -24.33 -6.74 -13.71
C ASN A 350 -25.45 -7.32 -12.84
N PRO A 351 -26.63 -7.58 -13.44
CA PRO A 351 -27.81 -8.02 -12.67
C PRO A 351 -27.69 -9.43 -12.07
N THR A 352 -26.97 -10.33 -12.73
CA THR A 352 -26.73 -11.68 -12.21
C THR A 352 -25.86 -11.63 -10.94
N ASP A 353 -24.87 -10.74 -10.93
CA ASP A 353 -24.06 -10.49 -9.73
C ASP A 353 -24.89 -9.83 -8.64
N ALA A 354 -25.64 -8.80 -9.03
CA ALA A 354 -26.55 -8.07 -8.13
C ALA A 354 -27.57 -9.00 -7.45
N LYS A 355 -28.22 -9.84 -8.25
CA LYS A 355 -29.22 -10.80 -7.76
C LYS A 355 -28.65 -11.86 -6.81
N ILE A 356 -27.42 -12.29 -7.08
CA ILE A 356 -26.69 -13.22 -6.20
C ILE A 356 -26.29 -12.52 -4.88
N VAL A 357 -25.75 -11.32 -4.99
CA VAL A 357 -25.34 -10.53 -3.82
C VAL A 357 -26.54 -10.15 -2.95
N VAL A 358 -27.57 -9.59 -3.57
CA VAL A 358 -28.83 -9.23 -2.88
C VAL A 358 -29.48 -10.46 -2.22
N GLY A 359 -29.45 -11.60 -2.90
CA GLY A 359 -29.95 -12.86 -2.36
C GLY A 359 -29.26 -13.31 -1.08
N LYS A 360 -27.96 -13.06 -0.98
CA LYS A 360 -27.19 -13.31 0.25
C LYS A 360 -27.54 -12.30 1.35
N ILE A 361 -27.71 -11.04 0.97
CA ILE A 361 -28.01 -9.95 1.91
C ILE A 361 -29.39 -10.08 2.54
N ILE A 362 -30.38 -10.50 1.73
CA ILE A 362 -31.74 -10.76 2.23
C ILE A 362 -31.75 -11.91 3.24
N ASP A 363 -31.04 -13.00 2.91
CA ASP A 363 -30.87 -14.14 3.82
C ASP A 363 -30.21 -13.75 5.15
N ALA A 364 -29.20 -12.88 5.07
CA ALA A 364 -28.54 -12.33 6.27
C ALA A 364 -29.47 -11.42 7.07
N ALA A 365 -30.25 -10.61 6.37
CA ALA A 365 -31.26 -9.73 7.00
C ALA A 365 -32.42 -10.52 7.61
N ARG A 366 -32.86 -11.58 6.93
CA ARG A 366 -33.89 -12.48 7.45
C ARG A 366 -33.45 -13.20 8.72
N ALA A 367 -32.21 -13.72 8.72
CA ALA A 367 -31.65 -14.45 9.86
C ALA A 367 -31.44 -13.55 11.09
N ARG A 368 -30.99 -12.32 10.87
CA ARG A 368 -30.77 -11.34 11.94
C ARG A 368 -32.10 -10.94 12.59
N GLU A 369 -33.03 -10.46 11.76
CA GLU A 369 -34.34 -10.02 12.23
C GLU A 369 -35.17 -11.14 12.88
N ALA A 370 -35.01 -12.37 12.38
CA ALA A 370 -35.63 -13.56 13.00
C ALA A 370 -34.98 -13.89 14.35
N ALA A 371 -33.66 -13.73 14.44
CA ALA A 371 -32.91 -13.91 15.69
C ALA A 371 -33.26 -12.83 16.73
N ARG A 372 -33.35 -11.58 16.28
CA ARG A 372 -33.80 -10.47 17.12
C ARG A 372 -35.27 -10.63 17.54
N ARG A 373 -36.10 -11.09 16.61
CA ARG A 373 -37.50 -11.45 16.89
C ARG A 373 -37.62 -12.64 17.84
N ALA A 374 -36.67 -13.58 17.75
CA ALA A 374 -36.59 -14.73 18.66
C ALA A 374 -36.26 -14.31 20.11
N ARG A 375 -35.40 -13.31 20.27
CA ARG A 375 -35.06 -12.77 21.59
C ARG A 375 -36.27 -12.15 22.29
N GLU A 376 -37.01 -11.32 21.56
CA GLU A 376 -38.21 -10.66 22.09
C GLU A 376 -39.34 -11.65 22.35
N MET A 377 -39.65 -12.48 21.35
CA MET A 377 -40.69 -13.52 21.47
C MET A 377 -40.18 -14.66 22.36
N THR A 378 -40.41 -14.50 23.67
CA THR A 378 -40.01 -15.48 24.69
C THR A 378 -38.48 -15.68 24.75
#